data_4GCW
#
_entry.id   4GCW
#
_cell.length_a   174.080
_cell.length_b   42.550
_cell.length_c   110.890
_cell.angle_alpha   90.00
_cell.angle_beta   127.18
_cell.angle_gamma   90.00
#
_symmetry.space_group_name_H-M   'C 1 2 1'
#
loop_
_entity.id
_entity.type
_entity.pdbx_description
1 polymer 'Ribonuclease Z'
2 polymer TRNA(THR)
3 non-polymer 'ZINC ION'
4 non-polymer '2-(N-MORPHOLINO)-ETHANESULFONIC ACID'
5 water water
#
loop_
_entity_poly.entity_id
_entity_poly.type
_entity_poly.pdbx_seq_one_letter_code
_entity_poly.pdbx_strand_id
1 'polypeptide(L)'
;MELLFLGTGAGIPAKARNVTSVALKLLEERRSVWLFDCGEATQHQMLHTTIKPRKIEKIFITHMHGDHVYGLPGLLGSRS
FQGGEDELTVYGPKGIKAFIETSLAVTKTHLTYPLAIQEIEEGIVFEDDQFIVTAVSVIHGVEAFGYRVQEKDVPGSLKA
DVLKEMNIPPGPVYQKIKKGETVTLEDGRIINGNDFLEPPKKGRSVVFSGDTRVSDKLKELARDCDVMVHEATFAKEDRK
LAYDYYHSTTEQAAVTAKEARAKQLILTHISARYQGDASLELQKEAVDVFPNSVAAYDFLEVNVPRGKLAAALEHHHHHH
;
A
2 'polyribonucleotide'
;GCUUCCAUAGCUCAGCAGGUAGAGCACUUCCAUGGUAAGGAAGAGGUCAGCGGUUCGAGCCCGCUUGGAAGC(OMU)
(OMU)(A2M)(A2M)
;
B
#
loop_
_chem_comp.id
_chem_comp.type
_chem_comp.name
_chem_comp.formula
A RNA linking ADENOSINE-5'-MONOPHOSPHATE 'C10 H14 N5 O7 P'
A2M RNA linking '2'-O-methyladenosine 5'-(dihydrogen phosphate)' 'C11 H16 N5 O7 P'
C RNA linking CYTIDINE-5'-MONOPHOSPHATE 'C9 H14 N3 O8 P'
G RNA linking GUANOSINE-5'-MONOPHOSPHATE 'C10 H14 N5 O8 P'
MES non-polymer '2-(N-MORPHOLINO)-ETHANESULFONIC ACID' 'C6 H13 N O4 S'
OMU RNA linking 'O2'-METHYLURIDINE 5'-MONOPHOSPHATE' 'C10 H15 N2 O9 P'
U RNA linking URIDINE-5'-MONOPHOSPHATE 'C9 H13 N2 O9 P'
ZN non-polymer 'ZINC ION' 'Zn 2'
#
# COMPACT_ATOMS: atom_id res chain seq x y z
N MET A 1 -9.75 0.21 -5.09
CA MET A 1 -8.60 -0.03 -4.23
C MET A 1 -8.45 -1.54 -3.97
N GLU A 2 -7.41 -2.15 -4.56
CA GLU A 2 -7.12 -3.58 -4.43
C GLU A 2 -5.67 -3.81 -4.01
N LEU A 3 -5.42 -4.95 -3.34
CA LEU A 3 -4.09 -5.37 -2.90
C LEU A 3 -3.70 -6.67 -3.59
N LEU A 4 -2.82 -6.57 -4.61
CA LEU A 4 -2.32 -7.74 -5.34
C LEU A 4 -0.96 -8.09 -4.77
N PHE A 5 -0.85 -9.30 -4.20
CA PHE A 5 0.40 -9.77 -3.59
C PHE A 5 1.26 -10.48 -4.63
N LEU A 6 2.42 -9.88 -4.94
CA LEU A 6 3.34 -10.42 -5.93
C LEU A 6 4.40 -11.35 -5.32
N GLY A 7 4.71 -11.15 -4.04
CA GLY A 7 5.69 -11.97 -3.33
C GLY A 7 5.43 -12.01 -1.85
N THR A 8 5.24 -13.23 -1.30
CA THR A 8 4.95 -13.43 0.12
C THR A 8 6.06 -14.16 0.90
N GLY A 9 7.19 -14.40 0.24
CA GLY A 9 8.33 -15.12 0.80
C GLY A 9 9.33 -14.27 1.54
N ALA A 10 9.93 -14.87 2.58
CA ALA A 10 10.94 -14.26 3.44
C ALA A 10 12.36 -14.68 3.04
N GLY A 11 13.27 -13.71 3.01
CA GLY A 11 14.69 -13.89 2.73
C GLY A 11 15.08 -14.39 1.35
N ILE A 12 15.09 -15.71 1.15
CA ILE A 12 15.46 -16.34 -0.12
C ILE A 12 14.25 -16.85 -0.91
N PRO A 13 14.20 -16.63 -2.25
CA PRO A 13 13.04 -17.08 -3.03
C PRO A 13 12.79 -18.59 -3.02
N ALA A 14 11.51 -18.97 -3.05
CA ALA A 14 11.08 -20.38 -3.08
C ALA A 14 10.20 -20.63 -4.31
N LYS A 15 9.95 -21.91 -4.64
CA LYS A 15 9.10 -22.28 -5.78
C LYS A 15 7.64 -21.91 -5.47
N ALA A 16 7.26 -21.94 -4.18
CA ALA A 16 5.93 -21.58 -3.72
C ALA A 16 5.78 -20.06 -3.62
N ARG A 17 6.69 -19.40 -2.87
CA ARG A 17 6.65 -17.96 -2.64
C ARG A 17 7.92 -17.24 -3.11
N ASN A 18 7.73 -16.17 -3.92
CA ASN A 18 8.82 -15.28 -4.36
C ASN A 18 8.99 -14.24 -3.26
N VAL A 19 10.15 -13.58 -3.20
CA VAL A 19 10.46 -12.55 -2.20
C VAL A 19 9.49 -11.35 -2.21
N THR A 20 9.34 -10.70 -1.04
CA THR A 20 8.45 -9.57 -0.74
C THR A 20 8.25 -8.50 -1.80
N SER A 21 6.96 -8.24 -2.13
CA SER A 21 6.43 -7.21 -3.05
C SER A 21 4.90 -7.25 -3.08
N VAL A 22 4.26 -6.14 -2.64
CA VAL A 22 2.80 -5.97 -2.57
C VAL A 22 2.40 -4.73 -3.38
N ALA A 23 1.45 -4.91 -4.31
CA ALA A 23 0.98 -3.82 -5.17
C ALA A 23 -0.36 -3.28 -4.70
N LEU A 24 -0.48 -1.95 -4.60
CA LEU A 24 -1.71 -1.28 -4.20
C LEU A 24 -2.36 -0.66 -5.45
N LYS A 25 -3.37 -1.36 -6.01
CA LYS A 25 -4.08 -0.95 -7.21
C LYS A 25 -4.99 0.27 -6.91
N LEU A 26 -4.75 1.38 -7.63
CA LEU A 26 -5.50 2.62 -7.47
C LEU A 26 -5.88 3.14 -8.87
N LEU A 27 -6.35 2.22 -9.73
CA LEU A 27 -6.74 2.54 -11.10
C LEU A 27 -7.96 3.47 -11.17
N GLU A 28 -9.00 3.18 -10.38
CA GLU A 28 -10.20 4.01 -10.32
C GLU A 28 -9.87 5.33 -9.60
N GLU A 29 -9.13 5.23 -8.48
CA GLU A 29 -8.73 6.34 -7.61
C GLU A 29 -7.81 7.38 -8.29
N ARG A 30 -6.72 6.92 -8.94
CA ARG A 30 -5.75 7.81 -9.60
C ARG A 30 -5.07 7.26 -10.85
N ARG A 31 -5.68 6.25 -11.50
CA ARG A 31 -5.20 5.62 -12.75
C ARG A 31 -3.79 4.98 -12.64
N SER A 32 -3.35 4.64 -11.41
CA SER A 32 -2.02 4.10 -11.16
C SER A 32 -1.96 2.93 -10.17
N VAL A 33 -0.75 2.40 -9.91
CA VAL A 33 -0.45 1.32 -8.97
C VAL A 33 0.69 1.82 -8.07
N TRP A 34 0.64 1.48 -6.77
CA TRP A 34 1.67 1.84 -5.79
C TRP A 34 2.27 0.56 -5.25
N LEU A 35 3.60 0.44 -5.33
CA LEU A 35 4.30 -0.75 -4.84
C LEU A 35 4.87 -0.60 -3.44
N PHE A 36 4.76 -1.66 -2.64
CA PHE A 36 5.28 -1.72 -1.29
C PHE A 36 6.31 -2.81 -1.19
N ASP A 37 7.58 -2.39 -1.36
CA ASP A 37 8.80 -3.20 -1.45
C ASP A 37 8.89 -3.87 -2.82
N CYS A 38 10.10 -3.89 -3.40
CA CYS A 38 10.30 -4.46 -4.73
C CYS A 38 11.50 -5.42 -4.72
N GLY A 39 11.27 -6.62 -4.19
CA GLY A 39 12.28 -7.68 -4.14
C GLY A 39 12.57 -8.23 -5.52
N GLU A 40 13.59 -9.11 -5.63
CA GLU A 40 13.97 -9.70 -6.91
C GLU A 40 12.81 -10.47 -7.57
N ALA A 41 12.73 -10.40 -8.92
CA ALA A 41 11.72 -11.02 -9.77
C ALA A 41 10.28 -10.51 -9.59
N THR A 42 10.12 -9.26 -9.07
CA THR A 42 8.82 -8.61 -8.89
C THR A 42 8.23 -8.39 -10.28
N GLN A 43 9.06 -7.86 -11.21
CA GLN A 43 8.76 -7.63 -12.61
C GLN A 43 8.30 -8.94 -13.26
N HIS A 44 9.01 -10.06 -12.95
CA HIS A 44 8.71 -11.40 -13.45
C HIS A 44 7.33 -11.86 -13.05
N GLN A 45 6.94 -11.61 -11.78
CA GLN A 45 5.63 -11.94 -11.23
C GLN A 45 4.55 -11.07 -11.89
N MET A 46 4.89 -9.80 -12.15
CA MET A 46 4.04 -8.79 -12.78
C MET A 46 3.60 -9.18 -14.21
N LEU A 47 4.39 -10.03 -14.91
CA LEU A 47 4.13 -10.52 -16.27
C LEU A 47 2.93 -11.48 -16.33
N HIS A 48 2.58 -12.09 -15.18
CA HIS A 48 1.47 -13.01 -15.03
C HIS A 48 0.21 -12.30 -14.53
N THR A 49 0.29 -10.95 -14.35
CA THR A 49 -0.83 -10.13 -13.89
C THR A 49 -1.22 -9.05 -14.90
N THR A 50 -2.26 -8.28 -14.56
CA THR A 50 -2.79 -7.18 -15.37
C THR A 50 -2.02 -5.87 -15.09
N ILE A 51 -1.20 -5.85 -14.01
CA ILE A 51 -0.36 -4.71 -13.63
C ILE A 51 0.76 -4.61 -14.65
N LYS A 52 0.97 -3.41 -15.20
CA LYS A 52 2.01 -3.14 -16.19
C LYS A 52 3.06 -2.19 -15.58
N PRO A 53 4.37 -2.32 -15.93
CA PRO A 53 5.38 -1.42 -15.33
C PRO A 53 5.08 0.08 -15.44
N ARG A 54 4.51 0.52 -16.60
CA ARG A 54 4.12 1.91 -16.87
C ARG A 54 3.01 2.41 -15.93
N LYS A 55 2.23 1.47 -15.34
CA LYS A 55 1.13 1.78 -14.43
C LYS A 55 1.62 2.21 -13.03
N ILE A 56 2.88 1.90 -12.68
CA ILE A 56 3.46 2.25 -11.37
C ILE A 56 3.80 3.74 -11.29
N GLU A 57 3.31 4.41 -10.21
CA GLU A 57 3.51 5.82 -9.94
C GLU A 57 4.54 6.01 -8.82
N LYS A 58 4.48 5.19 -7.76
CA LYS A 58 5.41 5.26 -6.64
C LYS A 58 5.72 3.93 -5.97
N ILE A 59 7.00 3.74 -5.59
CA ILE A 59 7.50 2.55 -4.91
C ILE A 59 7.99 2.97 -3.53
N PHE A 60 7.41 2.36 -2.49
CA PHE A 60 7.77 2.62 -1.09
C PHE A 60 8.58 1.45 -0.59
N ILE A 61 9.78 1.73 -0.06
CA ILE A 61 10.71 0.73 0.47
C ILE A 61 10.76 0.81 1.99
N THR A 62 10.55 -0.34 2.68
CA THR A 62 10.58 -0.42 4.14
C THR A 62 12.02 -0.38 4.67
N HIS A 63 12.89 -1.26 4.15
CA HIS A 63 14.30 -1.34 4.55
C HIS A 63 15.17 -1.85 3.42
N MET A 64 16.45 -1.52 3.47
CA MET A 64 17.45 -1.83 2.46
C MET A 64 17.82 -3.28 2.19
N HIS A 65 17.21 -4.26 2.88
CA HIS A 65 17.47 -5.69 2.64
C HIS A 65 17.14 -6.07 1.19
N GLY A 66 17.98 -6.94 0.63
CA GLY A 66 17.92 -7.38 -0.76
C GLY A 66 16.63 -7.99 -1.25
N ASP A 67 15.93 -8.72 -0.36
CA ASP A 67 14.65 -9.38 -0.65
C ASP A 67 13.48 -8.38 -0.75
N HIS A 68 13.80 -7.08 -0.64
CA HIS A 68 12.87 -5.95 -0.69
C HIS A 68 13.30 -4.91 -1.73
N VAL A 69 14.58 -4.97 -2.21
CA VAL A 69 15.14 -3.98 -3.15
C VAL A 69 15.71 -4.47 -4.48
N TYR A 70 16.28 -5.70 -4.55
CA TYR A 70 16.91 -6.22 -5.77
C TYR A 70 16.06 -6.26 -7.07
N GLY A 71 14.78 -5.88 -6.98
CA GLY A 71 13.87 -5.82 -8.12
C GLY A 71 13.78 -4.43 -8.72
N LEU A 72 14.25 -3.40 -7.96
CA LEU A 72 14.23 -1.99 -8.36
C LEU A 72 14.91 -1.63 -9.69
N PRO A 73 16.20 -1.97 -9.95
CA PRO A 73 16.84 -1.53 -11.21
C PRO A 73 16.27 -2.17 -12.47
N GLY A 74 15.79 -3.40 -12.34
CA GLY A 74 15.18 -4.14 -13.43
C GLY A 74 13.81 -3.60 -13.78
N LEU A 75 12.98 -3.31 -12.75
CA LEU A 75 11.63 -2.77 -12.90
C LEU A 75 11.66 -1.35 -13.46
N LEU A 76 12.57 -0.50 -12.94
CA LEU A 76 12.73 0.88 -13.40
C LEU A 76 13.19 0.92 -14.86
N GLY A 77 14.15 0.05 -15.20
CA GLY A 77 14.70 -0.08 -16.55
C GLY A 77 13.67 -0.51 -17.56
N SER A 78 12.89 -1.56 -17.23
CA SER A 78 11.83 -2.11 -18.10
C SER A 78 10.73 -1.10 -18.38
N ARG A 79 10.35 -0.29 -17.36
CA ARG A 79 9.33 0.77 -17.46
C ARG A 79 9.73 1.77 -18.56
N SER A 80 11.03 2.15 -18.59
CA SER A 80 11.61 3.06 -19.58
C SER A 80 11.63 2.41 -20.97
N PHE A 81 11.86 1.08 -21.00
CA PHE A 81 11.92 0.29 -22.23
C PHE A 81 10.53 0.04 -22.81
N GLN A 82 9.49 0.01 -21.96
CA GLN A 82 8.08 -0.19 -22.38
C GLN A 82 7.50 1.14 -22.91
N GLY A 83 8.24 2.23 -22.71
CA GLY A 83 7.87 3.58 -23.15
C GLY A 83 7.34 4.49 -22.06
N GLY A 84 7.85 4.34 -20.84
CA GLY A 84 7.44 5.13 -19.68
C GLY A 84 7.62 6.62 -19.87
N GLU A 85 6.55 7.38 -19.60
CA GLU A 85 6.51 8.84 -19.75
C GLU A 85 6.35 9.55 -18.42
N ASP A 86 5.31 9.17 -17.64
CA ASP A 86 4.95 9.74 -16.34
C ASP A 86 6.03 9.54 -15.27
N GLU A 87 6.05 10.42 -14.26
CA GLU A 87 7.01 10.41 -13.16
C GLU A 87 6.87 9.17 -12.27
N LEU A 88 8.00 8.74 -11.68
CA LEU A 88 8.10 7.60 -10.75
C LEU A 88 8.81 8.13 -9.52
N THR A 89 8.24 7.88 -8.34
CA THR A 89 8.83 8.35 -7.11
C THR A 89 9.22 7.19 -6.21
N VAL A 90 10.52 7.01 -5.94
CA VAL A 90 10.98 5.94 -5.05
C VAL A 90 11.18 6.49 -3.64
N TYR A 91 10.41 5.97 -2.69
CA TYR A 91 10.49 6.34 -1.28
C TYR A 91 11.22 5.21 -0.55
N GLY A 92 12.24 5.54 0.21
CA GLY A 92 13.03 4.55 0.95
C GLY A 92 13.95 5.13 1.99
N PRO A 93 14.60 4.27 2.84
CA PRO A 93 15.52 4.78 3.86
C PRO A 93 16.84 5.25 3.24
N LYS A 94 17.79 5.76 4.07
CA LYS A 94 19.11 6.19 3.60
C LYS A 94 19.83 4.98 3.00
N GLY A 95 20.26 5.12 1.74
CA GLY A 95 20.93 4.07 0.99
C GLY A 95 20.28 3.80 -0.36
N ILE A 96 18.95 4.04 -0.46
CA ILE A 96 18.16 3.81 -1.67
C ILE A 96 18.64 4.62 -2.90
N LYS A 97 19.10 5.87 -2.69
CA LYS A 97 19.60 6.73 -3.76
C LYS A 97 20.90 6.16 -4.33
N ALA A 98 21.80 5.70 -3.44
CA ALA A 98 23.09 5.12 -3.81
C ALA A 98 22.86 3.87 -4.63
N PHE A 99 21.94 3.00 -4.17
CA PHE A 99 21.58 1.73 -4.81
C PHE A 99 20.99 1.90 -6.21
N ILE A 100 20.01 2.81 -6.39
CA ILE A 100 19.37 3.06 -7.69
C ILE A 100 20.30 3.70 -8.71
N GLU A 101 20.96 4.82 -8.34
CA GLU A 101 21.87 5.57 -9.22
C GLU A 101 23.06 4.72 -9.72
N THR A 102 23.74 3.99 -8.81
CA THR A 102 24.89 3.12 -9.16
C THR A 102 24.45 2.01 -10.11
N SER A 103 23.34 1.31 -9.79
CA SER A 103 22.77 0.21 -10.57
C SER A 103 22.22 0.63 -11.94
N LEU A 104 22.03 1.94 -12.16
CA LEU A 104 21.51 2.47 -13.40
C LEU A 104 22.61 3.10 -14.25
N ALA A 105 23.65 3.67 -13.61
CA ALA A 105 24.77 4.33 -14.29
C ALA A 105 25.75 3.31 -14.88
N VAL A 106 26.15 2.28 -14.09
CA VAL A 106 27.07 1.23 -14.52
C VAL A 106 26.50 0.40 -15.68
N THR A 107 25.16 0.22 -15.68
CA THR A 107 24.41 -0.52 -16.70
C THR A 107 24.12 0.32 -17.94
N LYS A 108 24.47 1.64 -17.88
CA LYS A 108 24.28 2.64 -18.95
C LYS A 108 22.79 2.77 -19.33
N THR A 109 21.95 3.04 -18.31
CA THR A 109 20.50 3.15 -18.47
C THR A 109 20.02 4.59 -18.37
N HIS A 110 19.44 5.11 -19.46
CA HIS A 110 18.87 6.46 -19.47
C HIS A 110 17.35 6.31 -19.50
N LEU A 111 16.68 6.75 -18.42
CA LEU A 111 15.22 6.66 -18.28
C LEU A 111 14.53 7.63 -19.23
N THR A 112 13.40 7.19 -19.82
CA THR A 112 12.58 8.00 -20.72
C THR A 112 11.53 8.78 -19.90
N TYR A 113 11.63 8.73 -18.56
CA TYR A 113 10.72 9.37 -17.62
C TYR A 113 11.45 10.02 -16.41
N PRO A 114 10.83 10.98 -15.67
CA PRO A 114 11.52 11.57 -14.51
C PRO A 114 11.55 10.64 -13.29
N LEU A 115 12.73 10.50 -12.67
CA LEU A 115 12.91 9.66 -11.49
C LEU A 115 13.22 10.52 -10.27
N ALA A 116 12.34 10.44 -9.26
CA ALA A 116 12.51 11.17 -8.02
C ALA A 116 12.72 10.16 -6.88
N ILE A 117 13.89 10.22 -6.25
CA ILE A 117 14.24 9.32 -5.15
C ILE A 117 14.23 10.16 -3.87
N GLN A 118 13.24 9.93 -3.01
CA GLN A 118 13.08 10.65 -1.75
C GLN A 118 13.56 9.77 -0.59
N GLU A 119 14.69 10.16 0.04
CA GLU A 119 15.24 9.45 1.20
C GLU A 119 14.40 9.89 2.39
N ILE A 120 13.45 9.03 2.78
CA ILE A 120 12.47 9.32 3.83
C ILE A 120 12.95 9.19 5.27
N GLU A 121 12.13 9.71 6.19
CA GLU A 121 12.27 9.70 7.65
C GLU A 121 10.87 9.75 8.28
N GLU A 122 10.74 9.30 9.56
CA GLU A 122 9.47 9.25 10.31
C GLU A 122 8.64 10.54 10.24
N GLY A 123 7.43 10.41 9.70
CA GLY A 123 6.47 11.49 9.52
C GLY A 123 5.68 11.35 8.23
N ILE A 124 5.16 12.48 7.69
CA ILE A 124 4.42 12.49 6.42
C ILE A 124 5.42 12.36 5.28
N VAL A 125 5.28 11.32 4.45
CA VAL A 125 6.19 11.10 3.31
C VAL A 125 5.64 11.69 2.01
N PHE A 126 4.32 11.58 1.81
CA PHE A 126 3.61 12.12 0.66
C PHE A 126 2.22 12.59 1.08
N GLU A 127 1.81 13.79 0.62
CA GLU A 127 0.50 14.37 0.90
C GLU A 127 -0.04 15.19 -0.26
N ASP A 128 -1.34 15.02 -0.56
CA ASP A 128 -2.06 15.76 -1.60
C ASP A 128 -3.57 15.82 -1.23
N ASP A 129 -4.43 16.18 -2.19
CA ASP A 129 -5.87 16.31 -1.96
C ASP A 129 -6.56 14.96 -1.75
N GLN A 130 -6.00 13.87 -2.32
CA GLN A 130 -6.58 12.54 -2.29
C GLN A 130 -6.01 11.59 -1.22
N PHE A 131 -4.66 11.55 -1.06
CA PHE A 131 -3.98 10.64 -0.15
C PHE A 131 -2.95 11.29 0.78
N ILE A 132 -2.64 10.61 1.88
CA ILE A 132 -1.64 11.00 2.87
C ILE A 132 -0.90 9.75 3.37
N VAL A 133 0.38 9.60 2.97
CA VAL A 133 1.22 8.47 3.36
C VAL A 133 2.15 8.88 4.50
N THR A 134 2.10 8.14 5.62
CA THR A 134 2.93 8.40 6.80
C THR A 134 3.79 7.20 7.11
N ALA A 135 5.09 7.44 7.35
CA ALA A 135 6.05 6.41 7.70
C ALA A 135 6.42 6.53 9.18
N VAL A 136 6.64 5.40 9.82
CA VAL A 136 7.00 5.29 11.23
C VAL A 136 8.14 4.30 11.38
N SER A 137 9.13 4.60 12.24
CA SER A 137 10.28 3.74 12.50
C SER A 137 9.85 2.42 13.19
N VAL A 138 10.41 1.29 12.76
CA VAL A 138 10.09 -0.03 13.31
C VAL A 138 11.34 -0.78 13.80
N ILE A 139 11.14 -1.76 14.70
CA ILE A 139 12.24 -2.56 15.28
C ILE A 139 12.69 -3.66 14.31
N HIS A 140 13.88 -3.51 13.69
CA HIS A 140 14.45 -4.50 12.76
C HIS A 140 15.99 -4.56 12.75
N GLY A 141 16.62 -3.73 13.59
CA GLY A 141 18.08 -3.64 13.69
C GLY A 141 18.61 -2.60 12.73
N VAL A 142 18.34 -2.81 11.44
CA VAL A 142 18.67 -1.89 10.36
C VAL A 142 17.58 -0.78 10.30
N GLU A 143 17.86 0.37 9.65
CA GLU A 143 16.91 1.48 9.50
C GLU A 143 15.71 0.99 8.67
N ALA A 144 14.61 0.64 9.37
CA ALA A 144 13.39 0.10 8.78
C ALA A 144 12.15 0.94 9.09
N PHE A 145 11.18 0.93 8.16
CA PHE A 145 9.94 1.69 8.25
C PHE A 145 8.66 0.86 8.11
N GLY A 146 7.56 1.46 8.55
CA GLY A 146 6.20 0.94 8.47
C GLY A 146 5.34 2.03 7.85
N TYR A 147 4.69 1.73 6.71
CA TYR A 147 3.87 2.69 5.96
C TYR A 147 2.39 2.57 6.22
N ARG A 148 1.66 3.69 6.03
CA ARG A 148 0.20 3.76 6.11
C ARG A 148 -0.30 4.62 4.95
N VAL A 149 -1.02 4.00 4.00
CA VAL A 149 -1.64 4.75 2.91
C VAL A 149 -3.03 5.11 3.41
N GLN A 150 -3.24 6.40 3.68
CA GLN A 150 -4.53 6.89 4.17
C GLN A 150 -5.26 7.71 3.12
N GLU A 151 -6.41 7.18 2.64
CA GLU A 151 -7.25 7.86 1.66
C GLU A 151 -8.03 8.93 2.41
N LYS A 152 -7.85 10.20 2.00
CA LYS A 152 -8.55 11.32 2.61
C LYS A 152 -10.04 11.24 2.30
N ASP A 153 -10.89 11.59 3.29
CA ASP A 153 -12.36 11.56 3.19
C ASP A 153 -12.88 12.20 1.92
N VAL A 154 -13.71 11.46 1.18
CA VAL A 154 -14.30 11.92 -0.08
C VAL A 154 -15.59 12.71 0.16
N PRO A 155 -15.90 13.76 -0.64
CA PRO A 155 -17.15 14.52 -0.42
C PRO A 155 -18.36 13.66 -0.76
N GLY A 156 -19.41 13.81 0.05
CA GLY A 156 -20.67 13.07 -0.09
C GLY A 156 -21.37 13.27 -1.42
N SER A 157 -22.23 12.30 -1.78
CA SER A 157 -22.99 12.31 -3.02
C SER A 157 -23.93 13.49 -3.16
N LEU A 158 -24.11 13.97 -4.40
CA LEU A 158 -25.00 15.08 -4.72
C LEU A 158 -26.44 14.62 -4.59
N LYS A 159 -27.30 15.48 -4.04
CA LYS A 159 -28.73 15.21 -3.94
C LYS A 159 -29.30 15.84 -5.24
N ALA A 160 -28.97 15.21 -6.39
CA ALA A 160 -29.34 15.65 -7.74
C ALA A 160 -30.83 15.73 -7.97
N ASP A 161 -31.60 14.76 -7.43
CA ASP A 161 -33.06 14.71 -7.54
C ASP A 161 -33.67 15.98 -6.98
N VAL A 162 -33.09 16.50 -5.87
CA VAL A 162 -33.52 17.74 -5.20
C VAL A 162 -33.30 18.94 -6.13
N LEU A 163 -32.17 18.95 -6.85
CA LEU A 163 -31.84 20.02 -7.79
C LEU A 163 -32.76 19.97 -9.01
N LYS A 164 -32.98 18.76 -9.56
CA LYS A 164 -33.85 18.52 -10.72
C LYS A 164 -35.29 18.95 -10.42
N GLU A 165 -35.81 18.60 -9.21
CA GLU A 165 -37.14 18.96 -8.72
C GLU A 165 -37.30 20.47 -8.58
N MET A 166 -36.20 21.18 -8.23
CA MET A 166 -36.19 22.63 -8.03
C MET A 166 -35.96 23.42 -9.33
N ASN A 167 -36.32 22.82 -10.48
CA ASN A 167 -36.18 23.41 -11.82
C ASN A 167 -34.73 23.84 -12.17
N ILE A 168 -33.74 23.06 -11.66
CA ILE A 168 -32.32 23.28 -11.94
C ILE A 168 -31.91 22.16 -12.89
N PRO A 169 -31.80 22.44 -14.21
CA PRO A 169 -31.47 21.36 -15.16
C PRO A 169 -30.03 20.86 -15.06
N PRO A 170 -29.79 19.54 -15.29
CA PRO A 170 -28.41 19.02 -15.22
C PRO A 170 -27.50 19.68 -16.24
N GLY A 171 -26.36 20.17 -15.77
CA GLY A 171 -25.37 20.86 -16.59
C GLY A 171 -24.06 21.11 -15.86
N PRO A 172 -23.14 21.90 -16.46
CA PRO A 172 -21.83 22.15 -15.80
C PRO A 172 -21.87 22.76 -14.41
N VAL A 173 -23.02 23.31 -14.00
CA VAL A 173 -23.22 23.91 -12.68
C VAL A 173 -23.27 22.86 -11.56
N TYR A 174 -23.61 21.60 -11.93
CA TYR A 174 -23.72 20.45 -11.02
C TYR A 174 -22.41 20.06 -10.33
N GLN A 175 -21.27 20.15 -11.07
CA GLN A 175 -19.94 19.84 -10.52
C GLN A 175 -19.47 20.92 -9.54
N LYS A 176 -19.95 22.17 -9.74
CA LYS A 176 -19.66 23.33 -8.90
C LYS A 176 -20.43 23.21 -7.58
N ILE A 177 -21.68 22.70 -7.63
CA ILE A 177 -22.55 22.45 -6.47
C ILE A 177 -21.92 21.31 -5.63
N LYS A 178 -21.39 20.28 -6.33
CA LYS A 178 -20.71 19.11 -5.74
C LYS A 178 -19.49 19.53 -4.89
N LYS A 179 -18.82 20.64 -5.27
CA LYS A 179 -17.69 21.21 -4.54
C LYS A 179 -18.15 22.04 -3.32
N GLY A 180 -19.41 22.49 -3.34
CA GLY A 180 -20.00 23.28 -2.27
C GLY A 180 -20.11 24.76 -2.52
N GLU A 181 -19.57 25.22 -3.68
CA GLU A 181 -19.55 26.62 -4.12
C GLU A 181 -20.93 27.26 -4.24
N THR A 182 -21.06 28.51 -3.77
CA THR A 182 -22.31 29.29 -3.87
C THR A 182 -22.45 29.76 -5.32
N VAL A 183 -23.32 29.07 -6.08
CA VAL A 183 -23.53 29.33 -7.50
C VAL A 183 -24.65 30.31 -7.82
N THR A 184 -24.46 31.07 -8.91
CA THR A 184 -25.44 32.03 -9.43
C THR A 184 -26.04 31.40 -10.70
N LEU A 185 -27.29 30.91 -10.58
CA LEU A 185 -28.02 30.24 -11.66
C LEU A 185 -28.35 31.19 -12.81
N GLU A 186 -28.55 30.60 -14.02
CA GLU A 186 -28.88 31.29 -15.28
C GLU A 186 -30.03 32.30 -15.14
N ASP A 187 -31.07 31.97 -14.35
CA ASP A 187 -32.22 32.83 -14.12
C ASP A 187 -32.07 33.74 -12.87
N GLY A 188 -30.85 33.84 -12.34
CA GLY A 188 -30.51 34.66 -11.19
C GLY A 188 -31.03 34.11 -9.88
N ARG A 189 -30.55 32.92 -9.50
CA ARG A 189 -30.92 32.22 -8.26
C ARG A 189 -29.67 31.78 -7.51
N ILE A 190 -29.56 32.19 -6.24
CA ILE A 190 -28.41 31.83 -5.40
C ILE A 190 -28.66 30.60 -4.54
N ILE A 191 -27.80 29.58 -4.69
CA ILE A 191 -27.90 28.32 -3.94
C ILE A 191 -26.56 27.88 -3.36
N ASN A 192 -26.57 27.41 -2.09
CA ASN A 192 -25.38 26.92 -1.40
C ASN A 192 -25.24 25.42 -1.66
N GLY A 193 -24.11 25.05 -2.28
CA GLY A 193 -23.79 23.69 -2.65
C GLY A 193 -23.82 22.69 -1.52
N ASN A 194 -23.27 23.07 -0.35
CA ASN A 194 -23.21 22.23 0.86
C ASN A 194 -24.57 21.75 1.36
N ASP A 195 -25.64 22.51 1.07
CA ASP A 195 -27.01 22.17 1.47
C ASP A 195 -27.57 20.97 0.68
N PHE A 196 -27.11 20.77 -0.56
CA PHE A 196 -27.56 19.68 -1.43
C PHE A 196 -26.56 18.52 -1.52
N LEU A 197 -25.71 18.36 -0.47
CA LEU A 197 -24.69 17.31 -0.41
C LEU A 197 -24.89 16.37 0.78
N GLU A 198 -24.76 15.05 0.52
CA GLU A 198 -24.89 13.99 1.53
C GLU A 198 -23.65 14.01 2.47
N PRO A 199 -23.70 13.40 3.69
CA PRO A 199 -22.50 13.42 4.55
C PRO A 199 -21.26 12.80 3.89
N PRO A 200 -20.05 13.41 4.03
CA PRO A 200 -18.87 12.86 3.36
C PRO A 200 -18.51 11.42 3.77
N LYS A 201 -18.15 10.58 2.78
CA LYS A 201 -17.78 9.17 2.98
C LYS A 201 -16.33 9.05 3.45
N LYS A 202 -16.12 8.28 4.53
CA LYS A 202 -14.82 8.03 5.15
C LYS A 202 -13.89 7.22 4.25
N GLY A 203 -12.66 7.74 4.09
CA GLY A 203 -11.62 7.15 3.25
C GLY A 203 -10.99 5.88 3.80
N ARG A 204 -10.52 5.02 2.89
CA ARG A 204 -9.90 3.73 3.21
C ARG A 204 -8.45 3.86 3.64
N SER A 205 -7.97 2.87 4.40
CA SER A 205 -6.60 2.86 4.92
C SER A 205 -5.96 1.48 4.90
N VAL A 206 -4.81 1.38 4.24
CA VAL A 206 -4.01 0.17 4.15
C VAL A 206 -2.67 0.44 4.86
N VAL A 207 -2.23 -0.52 5.71
CA VAL A 207 -0.96 -0.41 6.46
C VAL A 207 0.00 -1.54 6.07
N PHE A 208 1.21 -1.17 5.62
CA PHE A 208 2.25 -2.13 5.27
C PHE A 208 3.34 -2.03 6.35
N SER A 209 3.54 -3.11 7.10
CA SER A 209 4.47 -3.17 8.22
C SER A 209 5.95 -3.36 7.87
N GLY A 210 6.22 -4.12 6.82
CA GLY A 210 7.58 -4.48 6.41
C GLY A 210 8.15 -5.51 7.37
N ASP A 211 9.48 -5.62 7.46
CA ASP A 211 10.12 -6.55 8.40
C ASP A 211 10.28 -5.86 9.75
N THR A 212 9.70 -6.43 10.81
CA THR A 212 9.74 -5.86 12.17
C THR A 212 9.43 -6.83 13.30
N ARG A 213 9.90 -6.48 14.52
CA ARG A 213 9.60 -7.16 15.78
C ARG A 213 8.25 -6.56 16.24
N VAL A 214 7.64 -7.12 17.32
CA VAL A 214 6.39 -6.59 17.87
C VAL A 214 6.59 -5.13 18.26
N SER A 215 5.88 -4.21 17.60
CA SER A 215 6.06 -2.79 17.83
C SER A 215 4.78 -2.06 18.21
N ASP A 216 4.88 -1.24 19.27
CA ASP A 216 3.80 -0.39 19.77
C ASP A 216 3.57 0.75 18.80
N LYS A 217 4.66 1.26 18.18
CA LYS A 217 4.61 2.35 17.20
C LYS A 217 3.83 1.93 15.97
N LEU A 218 3.93 0.64 15.59
CA LEU A 218 3.23 0.04 14.46
C LEU A 218 1.75 -0.13 14.78
N LYS A 219 1.41 -0.49 16.04
CA LYS A 219 0.04 -0.63 16.54
C LYS A 219 -0.68 0.72 16.41
N GLU A 220 -0.01 1.81 16.85
CA GLU A 220 -0.55 3.18 16.78
C GLU A 220 -0.70 3.66 15.35
N LEU A 221 0.25 3.30 14.47
CA LEU A 221 0.24 3.65 13.05
C LEU A 221 -0.95 3.00 12.34
N ALA A 222 -1.27 1.75 12.69
CA ALA A 222 -2.37 0.97 12.11
C ALA A 222 -3.71 1.14 12.82
N ARG A 223 -3.91 2.29 13.51
CA ARG A 223 -5.14 2.58 14.24
C ARG A 223 -6.35 2.71 13.30
N ASP A 224 -7.40 1.88 13.58
CA ASP A 224 -8.69 1.81 12.86
C ASP A 224 -8.60 1.67 11.33
N CYS A 225 -7.54 1.00 10.83
CA CYS A 225 -7.34 0.82 9.40
C CYS A 225 -8.15 -0.33 8.81
N ASP A 226 -8.51 -0.23 7.52
CA ASP A 226 -9.27 -1.25 6.80
C ASP A 226 -8.49 -2.57 6.70
N VAL A 227 -7.23 -2.51 6.21
CA VAL A 227 -6.38 -3.69 6.03
C VAL A 227 -4.97 -3.45 6.60
N MET A 228 -4.55 -4.33 7.52
CA MET A 228 -3.22 -4.30 8.10
C MET A 228 -2.40 -5.47 7.53
N VAL A 229 -1.44 -5.15 6.65
CA VAL A 229 -0.57 -6.14 6.01
C VAL A 229 0.69 -6.29 6.88
N HIS A 230 0.61 -7.17 7.87
CA HIS A 230 1.69 -7.43 8.82
C HIS A 230 2.50 -8.65 8.40
N GLU A 231 3.79 -8.63 8.74
CA GLU A 231 4.72 -9.72 8.45
C GLU A 231 4.70 -10.75 9.59
N ALA A 232 4.56 -12.03 9.23
CA ALA A 232 4.54 -13.14 10.17
C ALA A 232 5.45 -14.24 9.62
N THR A 233 6.77 -14.01 9.74
CA THR A 233 7.82 -14.91 9.27
C THR A 233 7.74 -16.27 9.95
N PHE A 234 7.61 -16.26 11.29
CA PHE A 234 7.55 -17.47 12.10
C PHE A 234 6.15 -17.79 12.65
N ALA A 235 6.02 -18.97 13.28
CA ALA A 235 4.80 -19.46 13.91
C ALA A 235 4.85 -19.12 15.40
N LYS A 236 3.76 -19.39 16.14
CA LYS A 236 3.61 -19.16 17.59
C LYS A 236 4.76 -19.86 18.35
N GLU A 237 5.10 -21.10 17.93
CA GLU A 237 6.16 -21.94 18.51
C GLU A 237 7.54 -21.31 18.41
N ASP A 238 7.87 -20.70 17.25
CA ASP A 238 9.16 -20.07 16.99
C ASP A 238 9.21 -18.59 17.43
N ARG A 239 8.88 -18.34 18.72
CA ARG A 239 8.88 -17.00 19.33
C ARG A 239 10.30 -16.47 19.50
N LYS A 240 11.24 -17.33 19.98
CA LYS A 240 12.64 -16.98 20.23
C LYS A 240 13.42 -16.72 18.94
N LEU A 241 13.03 -17.40 17.84
CA LEU A 241 13.63 -17.24 16.51
C LEU A 241 13.29 -15.86 15.95
N ALA A 242 12.06 -15.39 16.19
CA ALA A 242 11.54 -14.10 15.75
C ALA A 242 12.30 -12.93 16.37
N TYR A 243 12.57 -12.97 17.69
CA TYR A 243 13.30 -11.91 18.40
C TYR A 243 14.73 -11.78 17.89
N ASP A 244 15.48 -12.89 17.89
CA ASP A 244 16.88 -12.97 17.46
C ASP A 244 17.11 -12.63 15.99
N TYR A 245 16.09 -12.80 15.13
CA TYR A 245 16.18 -12.49 13.70
C TYR A 245 15.42 -11.21 13.31
N TYR A 246 14.94 -10.44 14.32
CA TYR A 246 14.19 -9.19 14.18
C TYR A 246 12.91 -9.34 13.33
N HIS A 247 12.05 -10.29 13.73
CA HIS A 247 10.79 -10.61 13.06
C HIS A 247 9.62 -10.80 14.04
N SER A 248 8.42 -11.09 13.50
CA SER A 248 7.20 -11.29 14.28
C SER A 248 6.54 -12.63 13.97
N THR A 249 5.80 -13.18 14.95
CA THR A 249 5.08 -14.45 14.82
C THR A 249 3.66 -14.19 14.33
N THR A 250 2.90 -15.26 13.97
CA THR A 250 1.51 -15.17 13.52
C THR A 250 0.64 -14.59 14.65
N GLU A 251 0.86 -15.07 15.89
CA GLU A 251 0.17 -14.63 17.10
C GLU A 251 0.50 -13.16 17.40
N GLN A 252 1.78 -12.76 17.22
CA GLN A 252 2.26 -11.39 17.45
C GLN A 252 1.63 -10.38 16.50
N ALA A 253 1.46 -10.76 15.22
CA ALA A 253 0.83 -9.91 14.20
C ALA A 253 -0.67 -9.76 14.49
N ALA A 254 -1.31 -10.84 15.00
CA ALA A 254 -2.73 -10.90 15.35
C ALA A 254 -3.08 -10.03 16.56
N VAL A 255 -2.19 -10.01 17.59
CA VAL A 255 -2.36 -9.18 18.80
C VAL A 255 -2.34 -7.69 18.38
N THR A 256 -1.42 -7.33 17.46
CA THR A 256 -1.27 -5.97 16.93
C THR A 256 -2.54 -5.48 16.24
N ALA A 257 -3.13 -6.29 15.33
CA ALA A 257 -4.35 -5.94 14.61
C ALA A 257 -5.56 -5.83 15.55
N LYS A 258 -5.60 -6.66 16.61
CA LYS A 258 -6.66 -6.68 17.62
C LYS A 258 -6.65 -5.35 18.40
N GLU A 259 -5.48 -4.98 18.96
CA GLU A 259 -5.30 -3.75 19.74
C GLU A 259 -5.37 -2.47 18.90
N ALA A 260 -5.04 -2.55 17.60
CA ALA A 260 -5.09 -1.39 16.69
C ALA A 260 -6.51 -1.12 16.18
N ARG A 261 -7.44 -2.09 16.41
CA ARG A 261 -8.84 -2.06 15.97
C ARG A 261 -8.95 -2.02 14.43
N ALA A 262 -8.10 -2.84 13.77
CA ALA A 262 -8.07 -2.99 12.32
C ALA A 262 -9.21 -3.91 11.86
N LYS A 263 -9.73 -3.68 10.65
CA LYS A 263 -10.84 -4.47 10.11
C LYS A 263 -10.38 -5.85 9.61
N GLN A 264 -9.24 -5.90 8.90
CA GLN A 264 -8.67 -7.14 8.35
C GLN A 264 -7.15 -7.18 8.51
N LEU A 265 -6.59 -8.40 8.73
CA LEU A 265 -5.15 -8.63 8.87
C LEU A 265 -4.67 -9.61 7.82
N ILE A 266 -3.65 -9.22 7.04
CA ILE A 266 -3.08 -10.10 6.03
C ILE A 266 -1.62 -10.42 6.39
N LEU A 267 -1.34 -11.71 6.66
CA LEU A 267 -0.02 -12.19 7.07
C LEU A 267 0.85 -12.43 5.83
N THR A 268 1.93 -11.68 5.72
CA THR A 268 2.88 -11.79 4.60
C THR A 268 4.29 -12.14 5.14
N HIS A 269 5.30 -12.18 4.24
CA HIS A 269 6.71 -12.45 4.55
C HIS A 269 6.88 -13.77 5.32
N ILE A 270 6.14 -14.81 4.90
CA ILE A 270 6.12 -16.15 5.49
C ILE A 270 7.38 -16.94 5.08
N SER A 271 7.99 -17.63 6.06
CA SER A 271 9.19 -18.46 5.88
C SER A 271 8.94 -19.61 4.91
N ALA A 272 9.98 -20.01 4.15
CA ALA A 272 9.92 -21.12 3.20
C ALA A 272 9.78 -22.48 3.90
N ARG A 273 10.05 -22.50 5.22
CA ARG A 273 9.94 -23.65 6.13
C ARG A 273 8.52 -24.26 6.08
N TYR A 274 7.49 -23.39 6.01
CA TYR A 274 6.08 -23.77 5.96
C TYR A 274 5.59 -23.81 4.52
N GLN A 275 4.93 -24.92 4.14
CA GLN A 275 4.40 -25.15 2.79
C GLN A 275 2.97 -24.63 2.57
N GLY A 276 2.30 -25.11 1.51
CA GLY A 276 0.93 -24.75 1.19
C GLY A 276 -0.05 -25.27 2.22
N ASP A 277 0.17 -26.52 2.70
CA ASP A 277 -0.64 -27.18 3.72
C ASP A 277 -0.39 -26.56 5.10
N ALA A 278 0.88 -26.21 5.39
CA ALA A 278 1.30 -25.59 6.65
C ALA A 278 0.85 -24.13 6.78
N SER A 279 0.51 -23.47 5.65
CA SER A 279 0.03 -22.09 5.60
C SER A 279 -1.28 -21.90 6.36
N LEU A 280 -2.18 -22.90 6.26
CA LEU A 280 -3.48 -22.91 6.95
C LEU A 280 -3.31 -22.96 8.46
N GLU A 281 -2.27 -23.69 8.94
CA GLU A 281 -1.95 -23.81 10.36
C GLU A 281 -1.55 -22.44 10.91
N LEU A 282 -0.69 -21.69 10.17
CA LEU A 282 -0.22 -20.35 10.50
C LEU A 282 -1.40 -19.36 10.58
N GLN A 283 -2.35 -19.46 9.61
CA GLN A 283 -3.55 -18.65 9.52
C GLN A 283 -4.46 -18.90 10.73
N LYS A 284 -4.65 -20.18 11.12
CA LYS A 284 -5.47 -20.58 12.27
C LYS A 284 -4.83 -20.17 13.60
N GLU A 285 -3.49 -20.06 13.64
CA GLU A 285 -2.73 -19.60 14.82
C GLU A 285 -3.00 -18.12 15.09
N ALA A 286 -3.26 -17.34 14.01
CA ALA A 286 -3.55 -15.91 14.05
C ALA A 286 -5.07 -15.66 14.22
N VAL A 287 -5.91 -16.56 13.65
CA VAL A 287 -7.38 -16.50 13.69
C VAL A 287 -7.91 -16.60 15.14
N ASP A 288 -7.24 -17.42 15.97
CA ASP A 288 -7.57 -17.59 17.39
C ASP A 288 -7.50 -16.28 18.19
N VAL A 289 -6.62 -15.35 17.77
CA VAL A 289 -6.45 -14.03 18.40
C VAL A 289 -7.26 -12.96 17.62
N PHE A 290 -7.00 -12.84 16.30
CA PHE A 290 -7.70 -11.90 15.43
C PHE A 290 -8.46 -12.70 14.34
N PRO A 291 -9.81 -12.82 14.45
CA PRO A 291 -10.55 -13.67 13.49
C PRO A 291 -10.46 -13.35 12.01
N ASN A 292 -10.44 -12.05 11.61
CA ASN A 292 -10.36 -11.70 10.19
C ASN A 292 -8.90 -11.69 9.69
N SER A 293 -8.23 -12.86 9.81
CA SER A 293 -6.84 -13.07 9.41
C SER A 293 -6.74 -13.93 8.16
N VAL A 294 -5.88 -13.51 7.22
CA VAL A 294 -5.63 -14.21 5.96
C VAL A 294 -4.11 -14.35 5.78
N ALA A 295 -3.63 -15.59 5.58
CA ALA A 295 -2.22 -15.84 5.33
C ALA A 295 -2.00 -15.70 3.81
N ALA A 296 -1.34 -14.62 3.40
CA ALA A 296 -1.11 -14.29 1.99
C ALA A 296 -0.21 -15.26 1.27
N TYR A 297 -0.56 -15.56 0.02
CA TYR A 297 0.17 -16.42 -0.91
C TYR A 297 0.35 -15.62 -2.21
N ASP A 298 1.31 -16.02 -3.06
CA ASP A 298 1.57 -15.32 -4.33
C ASP A 298 0.33 -15.22 -5.21
N PHE A 299 0.14 -14.03 -5.81
CA PHE A 299 -0.96 -13.63 -6.70
C PHE A 299 -2.32 -13.44 -6.01
N LEU A 300 -2.33 -13.34 -4.67
CA LEU A 300 -3.55 -13.11 -3.90
C LEU A 300 -4.04 -11.70 -4.17
N GLU A 301 -5.35 -11.54 -4.45
CA GLU A 301 -5.98 -10.26 -4.69
C GLU A 301 -7.06 -10.03 -3.64
N VAL A 302 -6.91 -8.93 -2.88
CA VAL A 302 -7.83 -8.56 -1.81
C VAL A 302 -8.37 -7.16 -2.06
N ASN A 303 -9.68 -7.02 -2.18
CA ASN A 303 -10.31 -5.73 -2.42
C ASN A 303 -10.44 -4.95 -1.12
N VAL A 304 -10.24 -3.63 -1.19
CA VAL A 304 -10.36 -2.75 -0.03
C VAL A 304 -11.70 -2.01 -0.20
N PRO A 305 -12.77 -2.41 0.54
CA PRO A 305 -14.08 -1.75 0.35
C PRO A 305 -14.23 -0.46 1.15
N ARG A 306 -15.06 0.46 0.66
CA ARG A 306 -15.34 1.75 1.31
C ARG A 306 -16.52 1.68 2.32
N GLY A 307 -16.73 2.78 3.05
CA GLY A 307 -17.77 2.91 4.05
C GLY A 307 -18.64 4.15 3.85
N1 OMU B 73 16.46 -1.40 -28.23
C2 OMU B 73 16.71 -0.08 -27.85
N3 OMU B 73 15.65 0.79 -28.05
C4 OMU B 73 14.40 0.50 -28.59
C5 OMU B 73 14.21 -0.90 -28.95
C6 OMU B 73 15.23 -1.76 -28.77
O2 OMU B 73 17.75 0.34 -27.37
O4 OMU B 73 13.56 1.38 -28.70
C1' OMU B 73 17.52 -2.49 -28.05
C2' OMU B 73 17.77 -2.90 -26.59
O2' OMU B 73 18.82 -2.23 -25.89
CM2 OMU B 73 20.12 -1.90 -26.41
C3' OMU B 73 17.78 -4.43 -26.58
C4' OMU B 73 17.20 -4.85 -27.93
O3' OMU B 73 19.08 -5.01 -26.33
O4' OMU B 73 17.18 -3.67 -28.76
C5' OMU B 73 15.82 -5.49 -27.86
O5' OMU B 73 15.33 -5.84 -29.15
P OMU B 73 13.78 -6.24 -29.37
OP1 OMU B 73 13.43 -7.35 -28.46
OP2 OMU B 73 13.57 -6.40 -30.84
N1 OMU B 74 17.05 -3.61 -19.36
C2 OMU B 74 15.75 -3.26 -18.98
N3 OMU B 74 15.23 -4.03 -17.98
C4 OMU B 74 15.83 -5.09 -17.32
C5 OMU B 74 17.17 -5.40 -17.76
C6 OMU B 74 17.72 -4.67 -18.75
O2 OMU B 74 15.13 -2.36 -19.50
O4 OMU B 74 15.23 -5.68 -16.43
C1' OMU B 74 17.73 -2.83 -20.48
C2' OMU B 74 19.25 -2.62 -20.38
O2' OMU B 74 19.57 -1.52 -19.55
CM2 OMU B 74 20.03 -1.75 -18.22
C3' OMU B 74 19.61 -2.41 -21.85
C4' OMU B 74 18.60 -3.26 -22.61
O3' OMU B 74 19.52 -1.05 -22.29
O4' OMU B 74 17.49 -3.48 -21.70
C5' OMU B 74 19.09 -4.61 -23.10
O5' OMU B 74 20.13 -4.47 -24.06
P OMU B 74 20.24 -5.49 -25.28
OP1 OMU B 74 20.16 -6.87 -24.77
OP2 OMU B 74 21.42 -5.06 -26.07
ZN ZN C . 12.57 -9.32 4.45
ZN ZN D . 14.77 -7.62 6.35
O1 MES E . 0.56 7.85 -12.87
C2 MES E . 1.26 6.64 -13.20
C3 MES E . 1.34 6.42 -14.68
N4 MES E . -0.04 6.39 -15.26
C5 MES E . -0.79 7.63 -14.88
C6 MES E . -0.77 7.80 -13.38
C7 MES E . -0.01 6.20 -16.76
C8 MES E . -0.51 4.82 -17.12
S MES E . -0.28 4.54 -18.86
O1S MES E . -1.09 5.55 -19.54
O2S MES E . 1.14 4.69 -19.13
O3S MES E . -0.75 3.19 -19.11
#